data_3NJO
#
_entry.id   3NJO
#
_cell.length_a   60.307
_cell.length_b   60.307
_cell.length_c   527.599
_cell.angle_alpha   90.00
_cell.angle_beta   90.00
_cell.angle_gamma   120.00
#
_symmetry.space_group_name_H-M   'P 61 2 2'
#
loop_
_entity.id
_entity.type
_entity.pdbx_description
1 polymer 'Abscisic acid receptor PYR1'
2 non-polymer 4-bromo-N-(pyridin-2-ylmethyl)naphthalene-1-sulfonamide
3 non-polymer 'SULFATE ION'
4 non-polymer 'SODIUM ION'
5 non-polymer N-(pyridin-2-ylmethyl)naphthalene-1-sulfonamide
6 non-polymer 'CHLORIDE ION'
7 water water
#
_entity_poly.entity_id   1
_entity_poly.type   'polypeptide(L)'
_entity_poly.pdbx_seq_one_letter_code
;GSHMPSELTPEERSELKNSIAEFHTYQLDPGSCSSLHAQRIHAPPELVWSIVRRFDKPQTYKHFIKSCSVEQNFEMRVGC
TRDVIVISGLSANTSTERLDILDDERRVTGFSIIGGEHRLTNYKSVTTVHRFEKENRIWTVVLESYVVDMPEGNSEDDTR
MFADTVVKLNLQKLATVAEAMARNSGDGSGSQVT
;
_entity_poly.pdbx_strand_id   A,B,C
#
# COMPACT_ATOMS: atom_id res chain seq x y z
N THR A 9 -15.32 11.60 3.76
CA THR A 9 -15.56 12.97 4.28
C THR A 9 -15.25 13.00 5.71
N PRO A 10 -14.96 14.21 6.20
CA PRO A 10 -14.76 14.35 7.69
C PRO A 10 -15.97 13.74 8.44
N GLU A 11 -17.25 13.80 8.08
CA GLU A 11 -18.46 13.31 8.59
C GLU A 11 -18.51 11.80 8.48
N GLU A 12 -18.27 11.09 7.29
CA GLU A 12 -18.21 9.67 7.18
C GLU A 12 -17.25 9.18 8.24
N ARG A 13 -16.15 9.90 8.38
CA ARG A 13 -15.09 9.49 9.29
C ARG A 13 -15.61 9.34 10.71
N SER A 14 -16.41 10.29 11.13
CA SER A 14 -16.89 10.35 12.49
C SER A 14 -17.70 9.15 12.89
N GLU A 15 -18.50 8.66 11.99
CA GLU A 15 -19.31 7.53 12.33
C GLU A 15 -18.58 6.18 12.38
N LEU A 16 -17.38 6.08 11.80
CA LEU A 16 -16.81 4.75 11.75
C LEU A 16 -15.84 4.42 12.86
N LYS A 17 -15.51 5.44 13.64
CA LYS A 17 -14.56 5.38 14.71
C LYS A 17 -14.79 4.26 15.63
N ASN A 18 -16.05 4.00 15.90
CA ASN A 18 -16.45 2.97 16.80
C ASN A 18 -16.18 1.60 16.29
N SER A 19 -16.48 1.40 15.05
CA SER A 19 -16.30 0.14 14.41
C SER A 19 -14.86 -0.20 14.22
N ILE A 20 -14.06 0.85 13.92
CA ILE A 20 -12.64 0.65 13.83
C ILE A 20 -12.13 0.16 15.14
N ALA A 21 -12.68 0.65 16.21
CA ALA A 21 -12.24 0.32 17.53
C ALA A 21 -12.58 -1.10 17.86
N GLU A 22 -13.70 -1.58 17.37
CA GLU A 22 -14.12 -2.92 17.71
C GLU A 22 -13.56 -4.01 16.79
N PHE A 23 -13.37 -3.68 15.52
CA PHE A 23 -13.03 -4.69 14.53
C PHE A 23 -11.70 -4.48 13.79
N HIS A 24 -11.28 -3.23 13.67
CA HIS A 24 -10.08 -2.93 12.88
C HIS A 24 -8.90 -2.49 13.75
N THR A 25 -8.92 -2.89 15.01
CA THR A 25 -7.85 -2.57 15.94
C THR A 25 -7.06 -3.84 16.28
N TYR A 26 -5.75 -3.80 16.03
CA TYR A 26 -4.92 -4.99 16.17
C TYR A 26 -3.90 -4.89 17.30
N GLN A 27 -3.58 -6.04 17.88
CA GLN A 27 -2.48 -6.15 18.82
C GLN A 27 -1.24 -6.58 18.05
N LEU A 28 -0.38 -5.64 17.77
CA LEU A 28 0.74 -5.93 16.95
C LEU A 28 1.77 -6.77 17.64
N ASP A 29 2.57 -7.43 16.84
CA ASP A 29 3.77 -8.06 17.29
C ASP A 29 4.90 -7.22 16.83
N PRO A 30 6.04 -7.39 17.45
CA PRO A 30 7.22 -6.68 17.03
C PRO A 30 7.64 -7.13 15.67
N GLY A 31 7.51 -6.28 14.68
CA GLY A 31 7.77 -6.69 13.33
C GLY A 31 6.55 -6.68 12.44
N SER A 32 5.38 -6.47 13.00
CA SER A 32 4.22 -6.47 12.18
C SER A 32 3.76 -5.07 12.00
N CYS A 33 2.90 -4.88 11.03
N CYS A 33 2.94 -4.87 11.00
CA CYS A 33 2.36 -3.56 10.75
CA CYS A 33 2.37 -3.57 10.61
C CYS A 33 0.91 -3.66 10.31
C CYS A 33 0.88 -3.73 10.45
N SER A 34 0.11 -2.69 10.76
CA SER A 34 -1.31 -2.68 10.48
C SER A 34 -1.61 -1.59 9.46
N SER A 35 -2.78 -1.69 8.83
CA SER A 35 -3.19 -0.70 7.83
C SER A 35 -4.70 -0.68 7.68
N LEU A 36 -5.24 0.48 7.32
CA LEU A 36 -6.67 0.62 7.11
C LEU A 36 -6.98 1.34 5.81
N HIS A 37 -8.05 0.91 5.16
CA HIS A 37 -8.50 1.48 3.90
C HIS A 37 -9.99 1.67 3.81
N ALA A 38 -10.42 2.64 3.04
CA ALA A 38 -11.84 2.92 2.92
C ALA A 38 -12.24 2.99 1.46
N GLN A 39 -13.49 2.64 1.19
CA GLN A 39 -14.02 2.65 -0.16
C GLN A 39 -15.47 3.11 -0.16
N ARG A 40 -15.77 4.13 -0.94
CA ARG A 40 -17.15 4.61 -1.08
C ARG A 40 -17.81 3.90 -2.27
N ILE A 41 -18.94 3.25 -2.01
CA ILE A 41 -19.64 2.48 -3.02
C ILE A 41 -21.08 2.95 -3.18
N HIS A 42 -21.47 3.31 -4.37
CA HIS A 42 -22.81 3.74 -4.62
C HIS A 42 -23.70 2.55 -4.84
N ALA A 43 -24.23 2.04 -3.78
CA ALA A 43 -25.06 0.89 -3.84
C ALA A 43 -25.44 0.67 -2.43
N PRO A 44 -26.48 -0.08 -2.22
CA PRO A 44 -26.94 -0.37 -0.88
C PRO A 44 -26.02 -1.32 -0.16
N PRO A 45 -26.00 -1.16 1.15
CA PRO A 45 -25.18 -1.94 2.04
C PRO A 45 -25.43 -3.40 2.01
N GLU A 46 -26.66 -3.78 1.78
CA GLU A 46 -27.03 -5.16 1.84
C GLU A 46 -26.58 -5.85 0.63
N LEU A 47 -26.48 -5.11 -0.43
CA LEU A 47 -25.98 -5.60 -1.69
C LEU A 47 -24.52 -5.82 -1.60
N VAL A 48 -23.84 -4.86 -1.02
CA VAL A 48 -22.41 -4.91 -0.82
C VAL A 48 -22.04 -6.00 0.12
N TRP A 49 -22.71 -6.01 1.23
CA TRP A 49 -22.50 -7.03 2.23
C TRP A 49 -22.67 -8.43 1.66
N SER A 50 -23.66 -8.60 0.84
CA SER A 50 -23.97 -9.86 0.27
C SER A 50 -22.91 -10.33 -0.70
N ILE A 51 -22.10 -9.44 -1.21
CA ILE A 51 -21.01 -9.88 -2.00
C ILE A 51 -19.83 -10.23 -1.14
N VAL A 52 -19.50 -9.39 -0.20
CA VAL A 52 -18.27 -9.63 0.56
C VAL A 52 -18.43 -10.76 1.59
N ARG A 53 -19.64 -11.18 1.86
CA ARG A 53 -19.87 -12.27 2.80
C ARG A 53 -19.59 -13.63 2.17
N ARG A 54 -19.58 -13.69 0.85
CA ARG A 54 -19.35 -14.95 0.14
C ARG A 54 -17.91 -15.42 0.26
N PHE A 55 -17.64 -16.18 1.31
CA PHE A 55 -16.29 -16.65 1.59
C PHE A 55 -15.79 -17.62 0.52
N ASP A 56 -16.69 -18.43 -0.02
CA ASP A 56 -16.32 -19.44 -1.01
C ASP A 56 -16.07 -18.86 -2.41
N LYS A 57 -16.49 -17.64 -2.64
CA LYS A 57 -16.34 -16.97 -3.94
C LYS A 57 -15.70 -15.57 -3.84
N PRO A 58 -14.45 -15.41 -3.42
CA PRO A 58 -13.79 -14.11 -3.33
C PRO A 58 -13.49 -13.54 -4.71
N GLN A 59 -13.33 -14.41 -5.71
CA GLN A 59 -13.03 -13.97 -7.07
C GLN A 59 -14.12 -13.04 -7.58
N THR A 60 -15.28 -13.09 -6.94
CA THR A 60 -16.40 -12.23 -7.33
C THR A 60 -16.09 -10.76 -7.16
N TYR A 61 -15.17 -10.43 -6.25
CA TYR A 61 -14.82 -9.04 -6.02
C TYR A 61 -13.32 -8.80 -5.88
N LYS A 62 -12.53 -9.83 -6.19
CA LYS A 62 -11.07 -9.69 -6.13
C LYS A 62 -10.41 -9.95 -7.48
N HIS A 63 -9.20 -9.44 -7.63
CA HIS A 63 -8.38 -9.66 -8.80
C HIS A 63 -7.43 -10.80 -8.59
N PHE A 64 -7.09 -11.50 -9.67
CA PHE A 64 -6.03 -12.48 -9.71
C PHE A 64 -6.38 -13.84 -9.19
N ILE A 65 -7.62 -14.24 -9.32
CA ILE A 65 -7.99 -15.51 -8.76
C ILE A 65 -8.20 -16.58 -9.80
N LYS A 66 -7.20 -17.42 -9.94
CA LYS A 66 -7.26 -18.59 -10.74
C LYS A 66 -8.38 -19.47 -10.30
N SER A 67 -8.30 -19.93 -9.06
CA SER A 67 -9.36 -20.72 -8.47
C SER A 67 -9.54 -20.49 -7.01
N CYS A 68 -10.72 -20.84 -6.53
CA CYS A 68 -11.02 -20.87 -5.13
C CYS A 68 -11.85 -22.08 -4.81
N SER A 69 -11.27 -22.98 -4.04
CA SER A 69 -11.86 -24.25 -3.70
C SER A 69 -12.14 -24.36 -2.22
N VAL A 70 -13.38 -24.64 -1.86
CA VAL A 70 -13.67 -24.93 -0.48
C VAL A 70 -13.84 -26.41 -0.29
N GLU A 71 -15.07 -26.86 -0.23
CA GLU A 71 -15.32 -28.26 -0.02
C GLU A 71 -16.80 -28.53 -0.12
N GLN A 72 -17.12 -29.70 -0.65
CA GLN A 72 -18.43 -30.01 -1.17
C GLN A 72 -19.48 -30.03 -0.10
N ASN A 73 -19.07 -30.29 1.13
CA ASN A 73 -19.99 -30.19 2.23
C ASN A 73 -19.72 -28.92 2.97
N PHE A 74 -19.46 -27.87 2.24
CA PHE A 74 -19.03 -26.62 2.82
C PHE A 74 -20.16 -25.86 3.42
N GLU A 75 -20.07 -25.65 4.71
CA GLU A 75 -20.99 -24.83 5.43
C GLU A 75 -20.18 -23.63 5.82
N MET A 76 -20.78 -22.47 5.83
CA MET A 76 -20.02 -21.25 6.00
C MET A 76 -20.02 -20.80 7.44
N ARG A 77 -18.94 -21.14 8.12
CA ARG A 77 -18.84 -21.05 9.56
C ARG A 77 -17.44 -20.70 9.94
N VAL A 78 -17.27 -19.79 10.87
CA VAL A 78 -15.96 -19.45 11.36
C VAL A 78 -15.22 -20.74 11.47
N GLY A 79 -14.00 -20.78 11.05
CA GLY A 79 -13.19 -21.97 11.14
C GLY A 79 -12.97 -22.64 9.83
N CYS A 80 -13.88 -22.42 8.92
CA CYS A 80 -13.80 -23.05 7.62
C CYS A 80 -12.75 -22.44 6.76
N THR A 81 -12.19 -23.22 5.86
CA THR A 81 -11.10 -22.74 5.08
C THR A 81 -11.44 -22.74 3.62
N ARG A 82 -10.53 -22.22 2.81
CA ARG A 82 -10.70 -22.11 1.40
C ARG A 82 -9.34 -22.18 0.79
N ASP A 83 -9.27 -22.70 -0.41
CA ASP A 83 -8.02 -22.84 -1.10
C ASP A 83 -8.02 -22.00 -2.32
N VAL A 84 -7.05 -21.12 -2.42
CA VAL A 84 -7.00 -20.13 -3.45
C VAL A 84 -5.72 -20.22 -4.20
N ILE A 85 -5.84 -20.27 -5.50
CA ILE A 85 -4.68 -20.32 -6.36
C ILE A 85 -4.63 -19.07 -7.13
N VAL A 86 -3.49 -18.43 -7.15
CA VAL A 86 -3.41 -17.17 -7.85
C VAL A 86 -3.18 -17.31 -9.31
N ILE A 87 -3.71 -16.37 -10.03
CA ILE A 87 -3.48 -16.29 -11.45
C ILE A 87 -2.03 -16.50 -11.56
N SER A 88 -1.54 -16.77 -12.75
CA SER A 88 -0.13 -16.92 -12.98
C SER A 88 0.40 -15.59 -13.39
N GLY A 89 1.52 -15.20 -12.79
CA GLY A 89 2.12 -13.91 -13.00
C GLY A 89 2.54 -13.37 -11.67
N LEU A 90 2.04 -14.00 -10.64
CA LEU A 90 2.32 -13.61 -9.28
C LEU A 90 3.13 -14.66 -8.57
N SER A 91 4.13 -14.23 -7.85
CA SER A 91 5.08 -15.09 -7.19
C SER A 91 4.40 -16.08 -6.24
N ALA A 92 3.92 -15.62 -5.10
CA ALA A 92 3.19 -16.47 -4.20
C ALA A 92 2.24 -17.25 -5.07
N ASN A 93 1.88 -18.46 -4.66
CA ASN A 93 1.22 -19.39 -5.55
C ASN A 93 -0.20 -19.76 -5.20
N THR A 94 -0.35 -20.31 -4.00
CA THR A 94 -1.61 -20.75 -3.49
C THR A 94 -1.62 -20.35 -2.05
N SER A 95 -2.79 -20.25 -1.46
CA SER A 95 -2.90 -19.79 -0.11
C SER A 95 -4.04 -20.46 0.62
N THR A 96 -3.87 -20.77 1.88
CA THR A 96 -4.94 -21.30 2.66
C THR A 96 -5.47 -20.29 3.65
N GLU A 97 -6.76 -20.07 3.61
CA GLU A 97 -7.34 -18.99 4.32
C GLU A 97 -8.49 -19.47 5.12
N ARG A 98 -8.61 -18.97 6.33
CA ARG A 98 -9.65 -19.43 7.20
C ARG A 98 -10.54 -18.32 7.62
N LEU A 99 -11.79 -18.63 7.83
CA LEU A 99 -12.76 -17.64 8.20
C LEU A 99 -12.66 -17.37 9.69
N ASP A 100 -12.37 -16.14 10.05
CA ASP A 100 -12.19 -15.79 11.42
C ASP A 100 -13.42 -15.21 12.04
N ILE A 101 -14.15 -14.42 11.31
CA ILE A 101 -15.31 -13.79 11.87
C ILE A 101 -16.34 -13.64 10.80
N LEU A 102 -17.58 -13.92 11.14
CA LEU A 102 -18.71 -13.70 10.28
C LEU A 102 -19.89 -13.21 11.06
N ASP A 103 -20.35 -12.01 10.78
CA ASP A 103 -21.47 -11.46 11.47
C ASP A 103 -22.37 -10.67 10.56
N ASP A 104 -23.47 -11.27 10.21
CA ASP A 104 -24.41 -10.74 9.26
C ASP A 104 -25.23 -9.68 9.88
N GLU A 105 -25.09 -9.53 11.17
CA GLU A 105 -25.87 -8.53 11.84
C GLU A 105 -25.17 -7.20 11.92
N ARG A 106 -23.87 -7.23 12.09
CA ARG A 106 -23.10 -6.02 12.07
C ARG A 106 -22.35 -5.97 10.80
N ARG A 107 -22.52 -6.98 9.97
CA ARG A 107 -21.92 -7.02 8.67
C ARG A 107 -20.43 -6.95 8.74
N VAL A 108 -19.83 -7.94 9.36
CA VAL A 108 -18.41 -7.99 9.53
C VAL A 108 -17.89 -9.37 9.24
N THR A 109 -16.76 -9.44 8.56
CA THR A 109 -16.16 -10.67 8.19
C THR A 109 -14.65 -10.53 8.18
N GLY A 110 -13.94 -11.64 8.18
CA GLY A 110 -12.52 -11.59 8.23
C GLY A 110 -11.95 -12.94 8.08
N PHE A 111 -10.69 -12.99 7.73
CA PHE A 111 -10.01 -14.19 7.44
C PHE A 111 -8.55 -13.98 7.70
N SER A 112 -7.81 -15.08 7.79
CA SER A 112 -6.40 -15.01 8.01
C SER A 112 -5.76 -16.06 7.22
N ILE A 113 -4.59 -15.81 6.66
CA ILE A 113 -4.00 -16.90 5.93
C ILE A 113 -3.21 -17.83 6.83
N ILE A 114 -3.52 -19.16 6.59
CA ILE A 114 -2.99 -20.22 7.42
C ILE A 114 -2.09 -21.15 6.65
N GLY A 115 -1.89 -20.88 5.39
CA GLY A 115 -0.98 -21.66 4.61
C GLY A 115 -0.79 -21.06 3.25
N GLY A 116 0.17 -21.59 2.50
CA GLY A 116 0.39 -21.14 1.16
C GLY A 116 1.85 -21.11 0.85
N GLU A 117 2.19 -20.82 -0.40
CA GLU A 117 3.55 -20.87 -0.87
C GLU A 117 4.22 -19.52 -0.98
N HIS A 118 4.27 -18.73 0.08
CA HIS A 118 4.63 -17.34 -0.10
C HIS A 118 5.38 -16.71 1.03
N ARG A 119 5.36 -15.37 1.04
CA ARG A 119 6.09 -14.56 2.00
C ARG A 119 5.22 -13.86 3.02
N LEU A 120 3.96 -13.62 2.70
CA LEU A 120 3.05 -12.93 3.61
C LEU A 120 2.72 -13.72 4.83
N THR A 121 3.60 -13.78 5.81
CA THR A 121 3.27 -14.58 6.98
C THR A 121 2.36 -13.88 8.00
N ASN A 122 1.41 -14.63 8.52
CA ASN A 122 0.55 -14.14 9.55
C ASN A 122 -0.31 -13.03 9.04
N TYR A 123 -0.65 -13.08 7.77
CA TYR A 123 -1.59 -12.14 7.22
C TYR A 123 -3.01 -12.39 7.72
N LYS A 124 -3.64 -11.31 8.22
CA LYS A 124 -4.97 -11.32 8.77
C LYS A 124 -5.73 -10.08 8.35
N SER A 125 -7.04 -10.17 8.13
CA SER A 125 -7.80 -9.12 7.53
C SER A 125 -9.20 -9.04 8.06
N VAL A 126 -9.77 -7.85 8.06
CA VAL A 126 -11.14 -7.59 8.46
C VAL A 126 -11.81 -6.58 7.56
N THR A 127 -13.08 -6.81 7.26
CA THR A 127 -13.85 -5.94 6.39
C THR A 127 -15.21 -5.61 6.96
N THR A 128 -15.60 -4.36 6.89
CA THR A 128 -16.91 -3.95 7.36
C THR A 128 -17.65 -3.07 6.38
N VAL A 129 -18.96 -3.28 6.32
CA VAL A 129 -19.85 -2.56 5.43
C VAL A 129 -20.69 -1.56 6.18
N HIS A 130 -20.63 -0.32 5.76
CA HIS A 130 -21.35 0.72 6.42
C HIS A 130 -22.31 1.45 5.54
N ARG A 131 -23.40 1.83 6.16
CA ARG A 131 -24.54 2.45 5.55
C ARG A 131 -24.36 3.95 5.66
N PHE A 132 -24.85 4.68 4.70
CA PHE A 132 -24.89 6.12 4.77
C PHE A 132 -26.02 6.68 3.96
N GLU A 133 -27.05 7.15 4.67
CA GLU A 133 -28.20 7.77 4.05
C GLU A 133 -28.04 9.28 4.19
N LYS A 134 -28.21 9.98 3.09
CA LYS A 134 -28.11 11.42 3.05
C LYS A 134 -29.32 11.83 2.25
N GLU A 135 -29.30 13.01 1.65
CA GLU A 135 -30.48 13.69 1.14
C GLU A 135 -30.97 12.52 0.33
N ASN A 136 -32.02 11.85 0.76
CA ASN A 136 -32.74 10.92 -0.07
C ASN A 136 -31.87 9.69 -0.37
N ARG A 137 -30.64 9.90 -0.84
CA ARG A 137 -29.76 8.83 -1.32
C ARG A 137 -29.20 7.93 -0.24
N ILE A 138 -28.67 6.79 -0.64
CA ILE A 138 -28.22 5.76 0.27
C ILE A 138 -27.00 5.03 -0.21
N TRP A 139 -25.82 5.38 0.29
CA TRP A 139 -24.63 4.73 -0.20
C TRP A 139 -23.94 3.80 0.75
N THR A 140 -22.73 3.43 0.39
CA THR A 140 -22.06 2.50 1.28
C THR A 140 -20.58 2.84 1.44
N VAL A 141 -20.08 2.69 2.66
CA VAL A 141 -18.65 2.82 2.93
C VAL A 141 -18.10 1.50 3.46
N VAL A 142 -17.11 0.93 2.79
CA VAL A 142 -16.46 -0.27 3.23
C VAL A 142 -15.12 0.03 3.85
N LEU A 143 -14.78 -0.69 4.90
CA LEU A 143 -13.49 -0.57 5.54
C LEU A 143 -12.80 -1.88 5.54
N GLU A 144 -11.58 -1.90 5.08
CA GLU A 144 -10.74 -3.08 5.16
C GLU A 144 -9.39 -2.82 5.81
N SER A 145 -9.10 -3.54 6.87
CA SER A 145 -7.81 -3.47 7.50
C SER A 145 -7.08 -4.78 7.40
N TYR A 146 -5.79 -4.75 7.61
CA TYR A 146 -5.01 -5.98 7.65
C TYR A 146 -3.73 -5.81 8.48
N VAL A 147 -3.21 -6.93 8.95
CA VAL A 147 -1.94 -6.98 9.67
C VAL A 147 -1.06 -8.03 9.03
N VAL A 148 0.22 -7.73 8.89
CA VAL A 148 1.15 -8.70 8.36
C VAL A 148 2.52 -8.55 8.94
N ASP A 149 3.27 -9.63 8.98
CA ASP A 149 4.63 -9.61 9.46
C ASP A 149 5.55 -8.98 8.45
N MET A 150 6.46 -8.13 8.88
CA MET A 150 7.41 -7.54 7.97
C MET A 150 8.75 -8.03 8.37
N PRO A 151 9.63 -8.17 7.40
CA PRO A 151 10.97 -8.72 7.65
C PRO A 151 12.01 -7.63 7.74
N ASP A 158 9.88 -5.08 0.75
CA ASP A 158 9.12 -4.94 -0.49
C ASP A 158 7.65 -5.44 -0.48
N THR A 159 7.30 -6.32 0.44
CA THR A 159 6.00 -6.98 0.39
C THR A 159 4.77 -6.27 0.98
N ARG A 160 4.94 -5.28 1.82
CA ARG A 160 3.79 -4.59 2.36
C ARG A 160 3.19 -3.77 1.28
N MET A 161 4.02 -3.39 0.36
CA MET A 161 3.65 -2.54 -0.74
C MET A 161 2.63 -3.20 -1.62
N PHE A 162 2.89 -4.46 -1.90
CA PHE A 162 2.10 -5.28 -2.75
C PHE A 162 0.79 -5.64 -2.12
N ALA A 163 0.78 -5.91 -0.84
CA ALA A 163 -0.46 -6.21 -0.16
C ALA A 163 -1.37 -5.02 -0.14
N ASP A 164 -0.80 -3.87 0.00
CA ASP A 164 -1.57 -2.68 0.06
C ASP A 164 -2.19 -2.35 -1.26
N THR A 165 -1.45 -2.61 -2.32
CA THR A 165 -1.88 -2.35 -3.66
C THR A 165 -2.98 -3.27 -4.02
N VAL A 166 -2.87 -4.49 -3.55
CA VAL A 166 -3.89 -5.50 -3.82
C VAL A 166 -5.21 -5.15 -3.15
N VAL A 167 -5.15 -4.84 -1.86
CA VAL A 167 -6.34 -4.46 -1.10
C VAL A 167 -7.08 -3.29 -1.73
N LYS A 168 -6.35 -2.28 -2.17
CA LYS A 168 -6.95 -1.12 -2.82
C LYS A 168 -7.65 -1.51 -4.13
N LEU A 169 -6.93 -2.26 -4.96
CA LEU A 169 -7.50 -2.75 -6.21
C LEU A 169 -8.77 -3.56 -5.96
N ASN A 170 -8.69 -4.53 -5.06
CA ASN A 170 -9.84 -5.37 -4.74
C ASN A 170 -11.05 -4.55 -4.30
N LEU A 171 -10.80 -3.55 -3.46
CA LEU A 171 -11.86 -2.65 -3.02
C LEU A 171 -12.42 -1.85 -4.19
N GLN A 172 -11.57 -1.58 -5.19
CA GLN A 172 -12.02 -0.88 -6.38
C GLN A 172 -12.87 -1.78 -7.26
N LYS A 173 -12.55 -3.07 -7.28
CA LYS A 173 -13.34 -4.02 -8.05
C LYS A 173 -14.68 -4.25 -7.37
N LEU A 174 -14.68 -4.25 -6.06
CA LEU A 174 -15.87 -4.45 -5.32
C LEU A 174 -16.87 -3.37 -5.62
N ALA A 175 -16.40 -2.15 -5.74
CA ALA A 175 -17.22 -1.02 -6.00
C ALA A 175 -17.79 -1.05 -7.38
N THR A 176 -16.97 -1.48 -8.31
CA THR A 176 -17.36 -1.60 -9.66
C THR A 176 -18.47 -2.63 -9.75
N VAL A 177 -18.31 -3.72 -9.04
CA VAL A 177 -19.17 -4.85 -9.16
C VAL A 177 -20.49 -4.64 -8.51
N ALA A 178 -20.50 -3.81 -7.51
CA ALA A 178 -21.67 -3.60 -6.73
C ALA A 178 -22.45 -2.47 -7.33
N GLU A 179 -21.74 -1.51 -7.88
CA GLU A 179 -22.41 -0.42 -8.53
C GLU A 179 -23.09 -0.92 -9.81
N ALA A 180 -22.55 -1.98 -10.38
CA ALA A 180 -23.04 -2.54 -11.61
C ALA A 180 -24.26 -3.35 -11.33
N MET A 181 -24.42 -3.75 -10.11
CA MET A 181 -25.53 -4.58 -9.77
C MET A 181 -26.74 -3.81 -9.36
N ALA A 182 -26.53 -2.58 -8.96
CA ALA A 182 -27.57 -1.76 -8.48
C ALA A 182 -28.24 -1.21 -9.69
N ARG A 183 -27.47 -0.64 -10.58
CA ARG A 183 -28.03 -0.26 -11.83
C ARG A 183 -28.50 -1.51 -12.51
N GLU B 7 -17.26 1.36 -20.96
CA GLU B 7 -17.39 0.85 -22.32
C GLU B 7 -17.78 1.97 -23.29
N LEU B 8 -16.99 2.11 -24.35
CA LEU B 8 -17.19 3.19 -25.31
C LEU B 8 -18.55 3.15 -25.97
N THR B 9 -19.09 4.33 -26.28
CA THR B 9 -20.38 4.44 -26.95
C THR B 9 -20.21 4.18 -28.45
N PRO B 10 -21.30 3.80 -29.14
CA PRO B 10 -21.26 3.59 -30.58
C PRO B 10 -20.66 4.79 -31.31
N GLU B 11 -21.03 5.99 -30.88
CA GLU B 11 -20.48 7.22 -31.47
C GLU B 11 -18.99 7.33 -31.21
N GLU B 12 -18.58 7.07 -29.97
CA GLU B 12 -17.16 7.06 -29.62
C GLU B 12 -16.42 6.03 -30.49
N ARG B 13 -17.00 4.85 -30.61
CA ARG B 13 -16.40 3.78 -31.40
C ARG B 13 -16.17 4.23 -32.85
N SER B 14 -17.19 4.80 -33.46
CA SER B 14 -17.11 5.25 -34.84
C SER B 14 -16.00 6.28 -35.04
N GLU B 15 -15.84 7.17 -34.06
CA GLU B 15 -14.83 8.22 -34.13
C GLU B 15 -13.42 7.65 -34.16
N LEU B 16 -13.21 6.54 -33.47
CA LEU B 16 -11.88 5.97 -33.29
C LEU B 16 -11.49 4.97 -34.37
N LYS B 17 -12.46 4.57 -35.19
CA LYS B 17 -12.21 3.57 -36.23
C LYS B 17 -10.91 3.85 -37.00
N ASN B 18 -10.77 5.08 -37.48
CA ASN B 18 -9.61 5.43 -38.30
C ASN B 18 -8.30 5.33 -37.54
N SER B 19 -8.31 5.79 -36.29
CA SER B 19 -7.11 5.77 -35.46
C SER B 19 -6.67 4.35 -35.16
N ILE B 20 -7.64 3.48 -34.86
CA ILE B 20 -7.38 2.07 -34.60
C ILE B 20 -6.66 1.42 -35.78
N ALA B 21 -7.12 1.73 -36.99
CA ALA B 21 -6.51 1.17 -38.19
C ALA B 21 -5.10 1.69 -38.38
N GLU B 22 -4.88 2.94 -37.99
CA GLU B 22 -3.59 3.60 -38.19
C GLU B 22 -2.51 3.12 -37.22
N PHE B 23 -2.81 3.16 -35.92
CA PHE B 23 -1.80 2.90 -34.91
C PHE B 23 -1.94 1.54 -34.21
N HIS B 24 -3.16 1.03 -34.14
CA HIS B 24 -3.43 -0.15 -33.32
C HIS B 24 -3.68 -1.44 -34.11
N THR B 25 -3.35 -1.44 -35.40
CA THR B 25 -3.46 -2.64 -36.22
C THR B 25 -2.10 -3.28 -36.43
N TYR B 26 -1.96 -4.53 -36.02
CA TYR B 26 -0.66 -5.20 -36.06
C TYR B 26 -0.58 -6.29 -37.13
N GLN B 27 0.62 -6.52 -37.64
CA GLN B 27 0.89 -7.63 -38.54
C GLN B 27 1.44 -8.80 -37.74
N LEU B 28 0.58 -9.77 -37.45
CA LEU B 28 0.91 -10.83 -36.52
C LEU B 28 1.87 -11.87 -37.09
N ASP B 29 2.66 -12.46 -36.22
CA ASP B 29 3.49 -13.60 -36.55
C ASP B 29 2.79 -14.86 -36.09
N PRO B 30 3.02 -15.98 -36.79
CA PRO B 30 2.44 -17.26 -36.36
C PRO B 30 2.78 -17.54 -34.91
N GLY B 31 1.76 -17.68 -34.07
CA GLY B 31 1.96 -17.92 -32.66
C GLY B 31 2.09 -16.62 -31.87
N SER B 32 1.39 -15.60 -32.32
CA SER B 32 1.29 -14.33 -31.61
C SER B 32 -0.12 -13.76 -31.58
N CYS B 33 -0.39 -12.84 -30.66
CA CYS B 33 -1.72 -12.32 -30.49
C CYS B 33 -1.81 -10.85 -30.15
N SER B 34 -3.00 -10.30 -30.13
CA SER B 34 -3.15 -8.88 -29.99
C SER B 34 -4.38 -8.49 -29.19
N SER B 35 -4.28 -7.46 -28.37
CA SER B 35 -5.43 -6.93 -27.69
C SER B 35 -5.55 -5.44 -27.82
N LEU B 36 -6.68 -4.90 -27.42
CA LEU B 36 -6.95 -3.51 -27.48
C LEU B 36 -7.94 -3.15 -26.44
N HIS B 37 -7.59 -2.18 -25.62
CA HIS B 37 -8.44 -1.67 -24.58
C HIS B 37 -8.71 -0.22 -24.73
N ALA B 38 -9.73 0.26 -24.05
CA ALA B 38 -10.17 1.61 -24.14
C ALA B 38 -10.56 2.14 -22.79
N GLN B 39 -10.33 3.42 -22.56
CA GLN B 39 -10.65 4.04 -21.29
C GLN B 39 -11.17 5.45 -21.45
N ARG B 40 -12.33 5.72 -20.86
CA ARG B 40 -12.88 7.07 -20.90
C ARG B 40 -12.42 7.87 -19.68
N ILE B 41 -11.90 9.06 -19.93
CA ILE B 41 -11.35 9.89 -18.87
C ILE B 41 -11.98 11.28 -18.89
N HIS B 42 -12.66 11.63 -17.82
CA HIS B 42 -13.24 12.94 -17.72
C HIS B 42 -12.18 13.98 -17.48
N ALA B 43 -11.40 14.22 -18.50
CA ALA B 43 -10.35 15.17 -18.38
C ALA B 43 -9.75 15.48 -19.70
N PRO B 44 -9.19 16.67 -19.77
CA PRO B 44 -8.68 17.23 -20.99
C PRO B 44 -7.63 16.33 -21.52
N PRO B 45 -7.52 16.27 -22.84
CA PRO B 45 -6.69 15.34 -23.56
C PRO B 45 -5.25 15.60 -23.39
N GLU B 46 -4.90 16.85 -23.23
CA GLU B 46 -3.53 17.25 -23.34
C GLU B 46 -2.92 17.16 -21.97
N LEU B 47 -3.78 17.10 -20.99
CA LEU B 47 -3.35 16.83 -19.65
C LEU B 47 -3.08 15.36 -19.48
N VAL B 48 -3.73 14.54 -20.28
CA VAL B 48 -3.61 13.11 -20.17
C VAL B 48 -2.39 12.69 -20.94
N TRP B 49 -2.08 13.39 -21.99
CA TRP B 49 -0.92 13.09 -22.78
C TRP B 49 0.33 13.40 -21.99
N SER B 50 0.30 14.48 -21.24
CA SER B 50 1.49 14.84 -20.49
C SER B 50 1.94 13.66 -19.61
N ILE B 51 0.96 13.00 -19.01
CA ILE B 51 1.22 11.83 -18.18
C ILE B 51 1.74 10.67 -19.01
N VAL B 52 1.01 10.37 -20.09
CA VAL B 52 1.31 9.21 -20.93
C VAL B 52 2.67 9.29 -21.61
N ARG B 53 3.07 10.49 -21.99
CA ARG B 53 4.32 10.67 -22.75
C ARG B 53 5.56 10.45 -21.90
N ARG B 54 5.42 10.55 -20.57
CA ARG B 54 6.56 10.42 -19.67
C ARG B 54 7.16 9.02 -19.68
N PHE B 55 7.97 8.73 -20.71
CA PHE B 55 8.56 7.41 -20.87
C PHE B 55 9.44 7.02 -19.69
N ASP B 56 10.06 8.01 -19.06
CA ASP B 56 10.98 7.74 -17.95
C ASP B 56 10.24 7.60 -16.63
N LYS B 57 8.94 7.75 -16.65
CA LYS B 57 8.17 7.69 -15.44
C LYS B 57 6.83 7.01 -15.54
N PRO B 58 6.81 5.71 -15.74
CA PRO B 58 5.58 4.97 -15.89
C PRO B 58 4.90 4.70 -14.60
N GLN B 59 5.65 4.74 -13.52
CA GLN B 59 5.13 4.52 -12.21
C GLN B 59 4.05 5.48 -11.89
N THR B 60 3.93 6.50 -12.69
CA THR B 60 2.96 7.52 -12.42
C THR B 60 1.54 7.10 -12.75
N TYR B 61 1.41 6.23 -13.73
CA TYR B 61 0.10 5.76 -14.18
C TYR B 61 0.00 4.23 -14.18
N LYS B 62 1.12 3.55 -13.98
CA LYS B 62 1.12 2.09 -13.91
C LYS B 62 1.26 1.58 -12.48
N HIS B 63 0.71 0.39 -12.25
CA HIS B 63 0.85 -0.29 -10.96
C HIS B 63 2.11 -1.15 -10.94
N PHE B 64 2.49 -1.59 -9.76
CA PHE B 64 3.51 -2.63 -9.59
C PHE B 64 4.96 -2.22 -9.91
N ILE B 65 5.17 -0.95 -10.21
CA ILE B 65 6.52 -0.48 -10.53
C ILE B 65 7.29 -0.11 -9.27
N LYS B 66 8.37 -0.84 -8.99
CA LYS B 66 9.23 -0.50 -7.85
C LYS B 66 10.16 0.66 -8.20
N SER B 67 10.73 0.62 -9.41
CA SER B 67 11.64 1.67 -9.85
C SER B 67 11.76 1.69 -11.36
N CYS B 68 12.14 2.84 -11.90
CA CYS B 68 12.38 2.98 -13.33
C CYS B 68 13.56 3.90 -13.59
N SER B 69 14.67 3.29 -14.01
CA SER B 69 15.86 4.01 -14.28
C SER B 69 16.19 4.10 -15.75
N VAL B 70 16.85 5.18 -16.12
CA VAL B 70 17.25 5.42 -17.50
C VAL B 70 18.70 5.79 -17.52
N GLU B 71 19.20 6.15 -18.68
CA GLU B 71 20.59 6.54 -18.82
C GLU B 71 20.84 7.94 -18.38
N GLN B 72 22.08 8.23 -18.06
CA GLN B 72 22.35 9.47 -17.40
C GLN B 72 22.20 10.65 -18.32
N ASN B 73 22.72 10.52 -19.52
CA ASN B 73 22.54 11.58 -20.46
C ASN B 73 21.36 11.21 -21.25
N PHE B 74 20.22 11.18 -20.59
CA PHE B 74 19.02 10.61 -21.17
C PHE B 74 18.25 11.65 -21.95
N GLU B 75 17.97 11.30 -23.18
CA GLU B 75 17.21 12.13 -24.07
C GLU B 75 16.05 11.31 -24.55
N MET B 76 14.86 11.70 -24.14
CA MET B 76 13.70 10.95 -24.45
C MET B 76 13.34 11.02 -25.89
N ARG B 77 14.13 10.40 -26.73
CA ARG B 77 13.70 10.35 -28.07
C ARG B 77 13.44 8.90 -28.31
N VAL B 78 12.84 8.61 -29.43
CA VAL B 78 12.73 7.28 -29.90
C VAL B 78 14.07 6.60 -29.86
N GLY B 79 14.07 5.33 -29.54
CA GLY B 79 15.29 4.59 -29.50
C GLY B 79 15.86 4.45 -28.13
N CYS B 80 15.43 5.27 -27.20
CA CYS B 80 16.00 5.19 -25.90
C CYS B 80 15.34 4.13 -25.06
N THR B 81 16.04 3.71 -24.02
CA THR B 81 15.55 2.62 -23.24
C THR B 81 15.30 2.97 -21.79
N ARG B 82 14.61 2.11 -21.09
CA ARG B 82 14.34 2.27 -19.70
C ARG B 82 14.44 0.91 -19.09
N ASP B 83 14.71 0.88 -17.80
CA ASP B 83 14.97 -0.35 -17.10
C ASP B 83 14.06 -0.39 -15.92
N VAL B 84 13.00 -1.15 -16.04
CA VAL B 84 11.98 -1.21 -15.04
C VAL B 84 12.18 -2.35 -14.10
N ILE B 85 11.98 -2.08 -12.83
CA ILE B 85 12.03 -3.10 -11.85
C ILE B 85 10.67 -3.17 -11.27
N VAL B 86 10.14 -4.35 -11.31
CA VAL B 86 8.81 -4.54 -10.83
C VAL B 86 8.76 -5.10 -9.41
N ILE B 87 7.69 -4.80 -8.73
CA ILE B 87 7.55 -5.16 -7.37
C ILE B 87 7.96 -6.60 -7.26
N SER B 88 8.19 -7.04 -6.04
CA SER B 88 8.44 -8.43 -5.74
C SER B 88 7.12 -8.98 -5.29
N GLY B 89 6.62 -9.97 -5.96
CA GLY B 89 5.26 -10.35 -5.72
C GLY B 89 4.69 -10.61 -7.07
N LEU B 90 5.40 -10.14 -8.07
CA LEU B 90 5.10 -10.45 -9.43
C LEU B 90 6.19 -11.38 -9.83
N SER B 91 5.95 -12.30 -10.75
CA SER B 91 6.94 -13.30 -11.09
C SER B 91 8.03 -12.71 -11.93
N ALA B 92 7.75 -11.58 -12.54
CA ALA B 92 8.72 -10.88 -13.34
C ALA B 92 9.74 -10.15 -12.49
N ASN B 93 10.92 -9.92 -13.04
CA ASN B 93 11.97 -9.21 -12.32
C ASN B 93 12.19 -7.83 -12.88
N THR B 94 12.79 -7.82 -14.06
CA THR B 94 13.39 -6.66 -14.67
C THR B 94 12.95 -6.61 -16.09
N SER B 95 12.66 -5.44 -16.59
CA SER B 95 12.21 -5.33 -17.94
C SER B 95 12.91 -4.25 -18.70
N THR B 96 13.61 -4.58 -19.76
CA THR B 96 14.25 -3.54 -20.51
C THR B 96 13.37 -3.11 -21.64
N GLU B 97 12.94 -1.85 -21.63
CA GLU B 97 11.92 -1.40 -22.57
C GLU B 97 12.40 -0.26 -23.46
N ARG B 98 12.17 -0.36 -24.75
CA ARG B 98 12.65 0.62 -25.73
C ARG B 98 11.58 1.53 -26.28
N LEU B 99 11.82 2.82 -26.41
CA LEU B 99 10.81 3.67 -26.97
C LEU B 99 10.72 3.47 -28.46
N ASP B 100 9.51 3.37 -28.97
CA ASP B 100 9.33 3.13 -30.39
C ASP B 100 8.73 4.30 -31.13
N ILE B 101 7.90 5.05 -30.44
CA ILE B 101 7.15 6.10 -31.05
C ILE B 101 6.92 7.10 -30.02
N LEU B 102 6.94 8.35 -30.42
CA LEU B 102 6.51 9.44 -29.61
C LEU B 102 6.05 10.49 -30.60
N ASP B 103 4.94 11.12 -30.35
CA ASP B 103 4.42 12.08 -31.25
C ASP B 103 3.62 13.00 -30.45
N ASP B 104 4.19 14.14 -30.13
CA ASP B 104 3.49 15.07 -29.30
C ASP B 104 2.43 15.69 -30.13
N GLU B 105 2.64 15.63 -31.43
CA GLU B 105 1.68 16.11 -32.38
C GLU B 105 0.45 15.27 -32.32
N ARG B 106 0.57 14.03 -32.76
CA ARG B 106 -0.56 13.14 -32.82
C ARG B 106 -0.84 12.41 -31.53
N ARG B 107 0.02 12.54 -30.55
CA ARG B 107 -0.27 12.06 -29.22
C ARG B 107 -0.27 10.56 -29.16
N VAL B 108 0.77 9.98 -29.72
CA VAL B 108 0.86 8.57 -29.85
C VAL B 108 2.17 8.23 -29.24
N THR B 109 2.21 7.15 -28.49
CA THR B 109 3.46 6.66 -27.98
C THR B 109 3.48 5.17 -27.97
N GLY B 110 4.67 4.62 -27.89
CA GLY B 110 4.81 3.20 -27.85
C GLY B 110 6.16 2.64 -27.54
N PHE B 111 6.19 1.45 -26.98
CA PHE B 111 7.43 0.82 -26.55
C PHE B 111 7.43 -0.65 -26.82
N SER B 112 8.61 -1.23 -26.88
CA SER B 112 8.79 -2.67 -27.05
C SER B 112 9.76 -3.21 -26.01
N ILE B 113 9.47 -4.39 -25.48
CA ILE B 113 10.36 -5.03 -24.53
C ILE B 113 11.47 -5.75 -25.29
N ILE B 114 12.72 -5.48 -24.93
CA ILE B 114 13.86 -6.03 -25.65
C ILE B 114 14.78 -6.82 -24.73
N GLY B 115 14.31 -7.12 -23.52
CA GLY B 115 15.10 -7.89 -22.58
C GLY B 115 14.51 -7.90 -21.19
N GLY B 116 15.12 -8.70 -20.32
CA GLY B 116 14.64 -8.84 -18.96
C GLY B 116 14.29 -10.28 -18.63
N GLU B 117 14.32 -10.61 -17.34
CA GLU B 117 14.01 -11.96 -16.90
C GLU B 117 12.50 -12.17 -16.75
N HIS B 118 11.85 -12.52 -17.86
CA HIS B 118 10.42 -12.81 -17.87
C HIS B 118 10.07 -13.78 -18.99
N ARG B 119 8.82 -14.23 -19.02
CA ARG B 119 8.39 -15.25 -19.97
C ARG B 119 7.93 -14.66 -21.30
N LEU B 120 7.21 -13.55 -21.24
CA LEU B 120 6.71 -12.90 -22.45
C LEU B 120 7.84 -12.48 -23.38
N THR B 121 7.69 -12.76 -24.66
CA THR B 121 8.71 -12.42 -25.63
C THR B 121 8.10 -11.59 -26.76
N ASN B 122 8.85 -10.58 -27.19
CA ASN B 122 8.42 -9.74 -28.30
C ASN B 122 7.18 -8.93 -27.98
N TYR B 123 6.99 -8.62 -26.70
CA TYR B 123 5.89 -7.76 -26.27
C TYR B 123 6.07 -6.37 -26.88
N LYS B 124 4.98 -5.81 -27.39
CA LYS B 124 4.99 -4.49 -28.00
C LYS B 124 3.62 -3.86 -27.92
N SER B 125 3.55 -2.64 -27.39
CA SER B 125 2.27 -1.97 -27.20
C SER B 125 2.29 -0.53 -27.75
N VAL B 126 1.10 0.02 -27.96
CA VAL B 126 0.95 1.37 -28.48
C VAL B 126 -0.21 2.08 -27.77
N THR B 127 -0.01 3.32 -27.34
CA THR B 127 -1.05 4.11 -26.68
C THR B 127 -1.36 5.41 -27.43
N THR B 128 -2.62 5.80 -27.50
CA THR B 128 -3.03 7.01 -28.19
C THR B 128 -4.05 7.75 -27.41
N VAL B 129 -4.06 9.06 -27.55
CA VAL B 129 -5.00 9.92 -26.82
C VAL B 129 -5.92 10.64 -27.78
N HIS B 130 -7.15 10.82 -27.36
CA HIS B 130 -8.21 11.26 -28.22
C HIS B 130 -9.15 12.26 -27.56
N ARG B 131 -9.42 13.37 -28.24
CA ARG B 131 -10.32 14.40 -27.72
C ARG B 131 -11.75 14.18 -28.07
N PHE B 132 -12.63 14.49 -27.16
CA PHE B 132 -14.04 14.35 -27.41
C PHE B 132 -14.75 15.57 -26.92
N GLU B 133 -15.02 16.48 -27.85
CA GLU B 133 -15.76 17.70 -27.58
C GLU B 133 -17.21 17.44 -27.89
N LYS B 134 -18.04 17.43 -26.88
CA LYS B 134 -19.44 17.39 -27.17
C LYS B 134 -20.17 18.44 -26.42
N GLU B 135 -20.43 19.51 -27.16
CA GLU B 135 -21.21 20.63 -26.75
C GLU B 135 -20.67 21.23 -25.47
N ASN B 136 -21.32 20.96 -24.36
CA ASN B 136 -20.87 21.52 -23.11
C ASN B 136 -19.44 21.14 -22.83
N ARG B 137 -19.14 19.85 -22.96
CA ARG B 137 -17.96 19.26 -22.37
C ARG B 137 -17.01 18.45 -23.21
N ILE B 138 -15.93 18.11 -22.52
CA ILE B 138 -14.71 17.64 -23.10
C ILE B 138 -14.07 16.57 -22.22
N TRP B 139 -13.95 15.38 -22.78
CA TRP B 139 -13.31 14.27 -22.12
C TRP B 139 -12.31 13.58 -23.06
N THR B 140 -11.65 12.55 -22.55
CA THR B 140 -10.63 11.86 -23.32
C THR B 140 -10.95 10.39 -23.39
N VAL B 141 -10.51 9.78 -24.46
CA VAL B 141 -10.50 8.35 -24.57
C VAL B 141 -9.11 7.88 -24.95
N VAL B 142 -8.57 6.95 -24.20
CA VAL B 142 -7.26 6.39 -24.48
C VAL B 142 -7.36 5.01 -25.06
N LEU B 143 -6.47 4.70 -25.98
CA LEU B 143 -6.49 3.42 -26.58
C LEU B 143 -5.15 2.74 -26.42
N GLU B 144 -5.14 1.58 -25.81
CA GLU B 144 -3.89 0.86 -25.63
C GLU B 144 -3.99 -0.55 -26.18
N SER B 145 -3.22 -0.82 -27.24
CA SER B 145 -3.16 -2.14 -27.83
C SER B 145 -1.78 -2.74 -27.60
N TYR B 146 -1.66 -4.05 -27.76
CA TYR B 146 -0.38 -4.72 -27.62
C TYR B 146 -0.35 -6.04 -28.37
N VAL B 147 0.83 -6.42 -28.86
CA VAL B 147 1.02 -7.73 -29.46
C VAL B 147 2.13 -8.47 -28.72
N VAL B 148 1.90 -9.76 -28.44
CA VAL B 148 2.87 -10.55 -27.70
C VAL B 148 2.82 -12.02 -28.11
N ASP B 149 3.94 -12.67 -28.14
CA ASP B 149 3.98 -14.06 -28.54
C ASP B 149 3.16 -15.02 -27.72
N MET B 150 2.64 -16.03 -28.38
CA MET B 150 1.94 -17.12 -27.72
C MET B 150 2.99 -18.10 -27.20
N PRO B 151 3.13 -18.13 -25.90
CA PRO B 151 4.20 -18.89 -25.26
C PRO B 151 3.96 -20.37 -25.34
N GLU B 152 5.14 -20.99 -25.08
CA GLU B 152 5.33 -22.49 -25.35
C GLU B 152 5.42 -23.27 -24.07
N GLY B 153 4.46 -24.12 -23.81
CA GLY B 153 4.41 -24.75 -22.53
C GLY B 153 2.96 -24.94 -22.21
N ASN B 154 2.67 -25.43 -21.02
CA ASN B 154 1.31 -25.74 -20.68
C ASN B 154 0.60 -24.44 -20.45
N SER B 155 -0.71 -24.47 -20.41
CA SER B 155 -1.49 -23.29 -20.20
C SER B 155 -1.41 -22.96 -18.75
N GLU B 156 -0.69 -23.80 -18.03
CA GLU B 156 -0.51 -23.64 -16.61
C GLU B 156 0.02 -22.26 -16.47
N ASP B 157 0.99 -21.98 -17.32
CA ASP B 157 1.87 -20.86 -17.22
C ASP B 157 1.63 -19.78 -18.21
N ASP B 158 0.50 -19.77 -18.91
CA ASP B 158 0.28 -18.67 -19.80
C ASP B 158 -0.16 -17.43 -19.08
N THR B 159 0.51 -16.33 -19.43
CA THR B 159 0.41 -15.11 -18.71
C THR B 159 -0.20 -14.01 -19.56
N ARG B 160 -0.74 -14.40 -20.69
CA ARG B 160 -1.39 -13.43 -21.52
C ARG B 160 -2.63 -12.87 -20.88
N MET B 161 -3.13 -13.52 -19.85
CA MET B 161 -4.35 -13.06 -19.25
C MET B 161 -4.01 -12.00 -18.24
N PHE B 162 -2.80 -12.08 -17.76
CA PHE B 162 -2.30 -11.20 -16.75
C PHE B 162 -1.95 -9.90 -17.40
N ALA B 163 -1.22 -9.98 -18.50
CA ALA B 163 -0.81 -8.82 -19.27
C ALA B 163 -1.98 -7.98 -19.61
N ASP B 164 -3.12 -8.61 -19.65
CA ASP B 164 -4.29 -8.00 -20.14
C ASP B 164 -4.96 -7.24 -19.08
N THR B 165 -4.90 -7.74 -17.87
CA THR B 165 -5.58 -7.08 -16.80
C THR B 165 -4.66 -6.13 -16.20
N VAL B 166 -3.41 -6.20 -16.55
CA VAL B 166 -2.46 -5.20 -16.15
C VAL B 166 -2.72 -3.98 -16.96
N VAL B 167 -2.89 -4.14 -18.26
CA VAL B 167 -3.17 -3.04 -19.10
C VAL B 167 -4.45 -2.37 -18.66
N LYS B 168 -5.38 -3.15 -18.21
CA LYS B 168 -6.66 -2.66 -17.80
C LYS B 168 -6.57 -1.92 -16.48
N LEU B 169 -5.82 -2.45 -15.55
CA LEU B 169 -5.61 -1.85 -14.26
C LEU B 169 -4.89 -0.55 -14.36
N ASN B 170 -3.92 -0.47 -15.23
CA ASN B 170 -3.16 0.73 -15.43
C ASN B 170 -3.94 1.83 -16.12
N LEU B 171 -4.87 1.46 -16.95
CA LEU B 171 -5.69 2.41 -17.61
C LEU B 171 -6.69 2.96 -16.66
N GLN B 172 -7.02 2.23 -15.63
CA GLN B 172 -7.91 2.74 -14.59
C GLN B 172 -7.17 3.74 -13.73
N LYS B 173 -5.94 3.42 -13.36
CA LYS B 173 -5.11 4.31 -12.56
C LYS B 173 -4.85 5.60 -13.33
N LEU B 174 -4.51 5.48 -14.58
CA LEU B 174 -4.33 6.63 -15.41
C LEU B 174 -5.57 7.51 -15.34
N ALA B 175 -6.73 6.94 -15.46
CA ALA B 175 -7.94 7.70 -15.40
C ALA B 175 -8.14 8.38 -14.06
N THR B 176 -7.77 7.69 -13.00
CA THR B 176 -7.92 8.23 -11.69
C THR B 176 -6.96 9.36 -11.44
N VAL B 177 -5.76 9.20 -11.96
CA VAL B 177 -4.71 10.15 -11.76
C VAL B 177 -4.98 11.36 -12.58
N ALA B 178 -5.41 11.16 -13.81
CA ALA B 178 -5.66 12.26 -14.70
C ALA B 178 -6.86 13.02 -14.23
N GLU B 179 -7.77 12.36 -13.57
CA GLU B 179 -8.99 13.04 -13.22
C GLU B 179 -8.87 13.87 -11.98
N ALA B 180 -7.93 13.55 -11.12
CA ALA B 180 -7.74 14.28 -9.91
C ALA B 180 -6.79 15.42 -10.10
N MET B 181 -6.48 15.72 -11.33
CA MET B 181 -5.61 16.82 -11.62
C MET B 181 -6.44 17.95 -12.17
N ALA B 182 -7.58 17.60 -12.73
CA ALA B 182 -8.51 18.58 -13.20
C ALA B 182 -9.38 19.00 -12.04
N ARG B 183 -9.82 18.03 -11.27
CA ARG B 183 -10.44 18.31 -10.00
C ARG B 183 -9.48 19.16 -9.18
N SER C 6 18.42 -12.03 18.90
CA SER C 6 18.13 -10.99 17.91
C SER C 6 16.68 -10.53 18.02
N GLU C 7 15.77 -11.37 17.53
CA GLU C 7 14.32 -11.13 17.65
C GLU C 7 13.92 -11.26 19.12
N LEU C 8 12.64 -11.04 19.42
CA LEU C 8 12.14 -11.24 20.77
C LEU C 8 11.74 -12.69 21.01
N THR C 9 11.98 -13.18 22.23
CA THR C 9 11.61 -14.53 22.63
C THR C 9 10.11 -14.62 22.86
N PRO C 10 9.55 -15.83 22.78
CA PRO C 10 8.15 -16.05 23.14
C PRO C 10 7.86 -15.60 24.55
N GLU C 11 8.83 -15.72 25.46
CA GLU C 11 8.65 -15.25 26.83
C GLU C 11 8.53 -13.73 26.88
N GLU C 12 9.46 -13.06 26.22
CA GLU C 12 9.47 -11.60 26.18
C GLU C 12 8.20 -11.04 25.51
N ARG C 13 7.77 -11.69 24.43
CA ARG C 13 6.57 -11.25 23.73
C ARG C 13 5.32 -11.40 24.59
N SER C 14 5.34 -12.35 25.52
CA SER C 14 4.22 -12.57 26.41
C SER C 14 4.22 -11.53 27.53
N GLU C 15 5.38 -11.31 28.13
CA GLU C 15 5.53 -10.30 29.17
C GLU C 15 5.05 -8.95 28.68
N LEU C 16 5.46 -8.58 27.47
CA LEU C 16 5.17 -7.26 26.91
C LEU C 16 3.76 -7.15 26.37
N LYS C 17 3.05 -8.28 26.34
CA LYS C 17 1.70 -8.32 25.78
C LYS C 17 0.80 -7.22 26.32
N ASN C 18 0.80 -7.05 27.64
CA ASN C 18 0.01 -6.00 28.28
C ASN C 18 0.38 -4.60 27.78
N SER C 19 1.68 -4.29 27.83
CA SER C 19 2.15 -2.95 27.47
C SER C 19 1.83 -2.60 26.03
N ILE C 20 1.76 -3.61 25.18
CA ILE C 20 1.47 -3.39 23.77
C ILE C 20 0.01 -2.98 23.55
N ALA C 21 -0.88 -3.59 24.32
CA ALA C 21 -2.30 -3.21 24.28
C ALA C 21 -2.47 -1.84 24.93
N GLU C 22 -1.51 -1.46 25.72
CA GLU C 22 -1.75 -0.42 26.60
C GLU C 22 -1.13 0.89 26.10
N PHE C 23 0.05 0.69 25.45
CA PHE C 23 0.78 1.83 24.92
C PHE C 23 0.98 1.85 23.40
N HIS C 24 0.83 0.71 22.75
CA HIS C 24 1.22 0.63 21.33
C HIS C 24 0.09 0.28 20.37
N THR C 25 -1.15 0.36 20.84
CA THR C 25 -2.30 0.09 19.98
C THR C 25 -3.00 1.40 19.63
N TYR C 26 -3.02 1.72 18.35
CA TYR C 26 -3.55 3.00 17.88
C TYR C 26 -4.93 2.87 17.24
N GLN C 27 -5.71 3.94 17.34
CA GLN C 27 -6.96 4.03 16.60
C GLN C 27 -6.68 4.59 15.22
N LEU C 28 -6.74 3.73 14.21
CA LEU C 28 -6.37 4.11 12.86
C LEU C 28 -7.47 4.90 12.16
N ASP C 29 -7.04 5.77 11.25
CA ASP C 29 -7.94 6.43 10.33
C ASP C 29 -7.68 5.90 8.93
N PRO C 30 -8.72 5.91 8.07
CA PRO C 30 -8.55 5.41 6.71
C PRO C 30 -7.39 6.09 5.99
N GLY C 31 -6.38 5.31 5.62
CA GLY C 31 -5.24 5.83 4.88
C GLY C 31 -3.94 5.79 5.65
N SER C 32 -4.01 5.36 6.90
CA SER C 32 -2.82 5.32 7.76
C SER C 32 -2.39 3.89 8.06
N CYS C 33 -1.16 3.75 8.54
CA CYS C 33 -0.64 2.45 8.93
C CYS C 33 0.14 2.56 10.24
N SER C 34 0.32 1.43 10.91
CA SER C 34 1.04 1.42 12.18
C SER C 34 2.02 0.27 12.24
N SER C 35 3.16 0.50 12.89
CA SER C 35 4.18 -0.52 13.02
C SER C 35 4.78 -0.53 14.42
N LEU C 36 5.28 -1.70 14.82
CA LEU C 36 5.87 -1.89 16.14
C LEU C 36 7.24 -2.52 16.03
N HIS C 37 8.19 -2.08 16.86
CA HIS C 37 9.55 -2.59 16.84
C HIS C 37 10.08 -2.81 18.22
N ALA C 38 10.99 -3.74 18.35
CA ALA C 38 11.59 -4.09 19.63
C ALA C 38 13.11 -4.02 19.55
N GLN C 39 13.74 -3.82 20.70
CA GLN C 39 15.18 -3.76 20.80
C GLN C 39 15.64 -4.21 22.17
N ARG C 40 16.34 -5.33 22.22
CA ARG C 40 16.89 -5.81 23.48
C ARG C 40 18.18 -5.06 23.78
N ILE C 41 18.22 -4.44 24.97
CA ILE C 41 19.40 -3.71 25.40
C ILE C 41 19.93 -4.31 26.69
N HIS C 42 21.13 -4.86 26.62
CA HIS C 42 21.77 -5.43 27.81
C HIS C 42 22.32 -4.32 28.71
N ALA C 43 21.40 -3.67 29.41
CA ALA C 43 21.72 -2.56 30.31
C ALA C 43 20.52 -2.34 31.23
N PRO C 44 20.73 -1.62 32.34
CA PRO C 44 19.66 -1.36 33.31
C PRO C 44 18.54 -0.47 32.74
N PRO C 45 17.28 -0.86 32.96
CA PRO C 45 16.11 -0.11 32.51
C PRO C 45 16.20 1.37 32.88
N GLU C 46 16.50 1.65 34.14
CA GLU C 46 16.64 3.03 34.62
C GLU C 46 17.60 3.84 33.75
N LEU C 47 18.76 3.25 33.44
CA LEU C 47 19.75 3.90 32.59
C LEU C 47 19.20 4.17 31.20
N VAL C 48 18.70 3.12 30.56
CA VAL C 48 18.11 3.25 29.23
C VAL C 48 17.00 4.29 29.23
N TRP C 49 16.24 4.32 30.32
CA TRP C 49 15.12 5.25 30.46
C TRP C 49 15.58 6.71 30.57
N SER C 50 16.69 6.94 31.24
CA SER C 50 17.18 8.31 31.44
C SER C 50 17.63 8.94 30.12
N ILE C 51 17.94 8.09 29.14
CA ILE C 51 18.29 8.56 27.80
C ILE C 51 17.02 8.86 27.02
N VAL C 52 16.08 7.93 27.07
CA VAL C 52 14.81 8.04 26.34
C VAL C 52 13.96 9.24 26.76
N ARG C 53 13.95 9.54 28.05
CA ARG C 53 13.09 10.60 28.60
C ARG C 53 13.53 12.01 28.19
N ARG C 54 14.80 12.18 27.85
CA ARG C 54 15.31 13.51 27.51
C ARG C 54 14.71 14.01 26.21
N PHE C 55 13.50 14.56 26.29
CA PHE C 55 12.79 15.03 25.12
C PHE C 55 13.57 16.13 24.41
N ASP C 56 14.46 16.79 25.15
CA ASP C 56 15.24 17.90 24.61
C ASP C 56 16.52 17.45 23.91
N LYS C 57 16.93 16.21 24.16
CA LYS C 57 18.15 15.70 23.53
C LYS C 57 17.94 14.37 22.80
N PRO C 58 17.18 14.39 21.69
CA PRO C 58 17.00 13.19 20.87
C PRO C 58 18.30 12.77 20.17
N GLN C 59 19.14 13.74 19.80
CA GLN C 59 20.39 13.43 19.09
C GLN C 59 21.28 12.45 19.85
N THR C 60 20.98 12.26 21.14
CA THR C 60 21.74 11.32 21.96
C THR C 60 21.56 9.88 21.48
N TYR C 61 20.34 9.55 21.05
CA TYR C 61 20.05 8.19 20.62
C TYR C 61 19.58 8.08 19.17
N LYS C 62 19.34 9.21 18.53
CA LYS C 62 18.88 9.20 17.14
C LYS C 62 19.96 9.66 16.17
N HIS C 63 19.84 9.29 14.90
CA HIS C 63 20.78 9.69 13.87
C HIS C 63 20.24 10.84 13.08
N PHE C 64 21.11 11.51 12.33
CA PHE C 64 20.75 12.59 11.41
C PHE C 64 20.24 13.86 12.08
N ILE C 65 20.44 13.98 13.39
CA ILE C 65 20.04 15.18 14.10
C ILE C 65 21.13 16.26 14.03
N LYS C 66 20.80 17.37 13.38
CA LYS C 66 21.72 18.51 13.30
C LYS C 66 21.70 19.24 14.63
N SER C 67 20.49 19.52 15.12
CA SER C 67 20.33 20.14 16.43
C SER C 67 18.89 20.04 16.90
N CYS C 68 18.70 20.23 18.20
CA CYS C 68 17.36 20.23 18.77
C CYS C 68 17.14 21.42 19.69
N SER C 69 16.32 22.36 19.24
CA SER C 69 16.08 23.58 20.00
C SER C 69 14.74 23.58 20.73
N VAL C 70 14.79 23.88 22.02
CA VAL C 70 13.61 24.01 22.85
C VAL C 70 13.59 25.40 23.49
N GLU C 71 12.59 25.67 24.31
CA GLU C 71 12.52 26.92 25.07
C GLU C 71 13.73 27.03 25.98
N GLN C 72 13.97 28.21 26.52
CA GLN C 72 15.06 28.42 27.46
C GLN C 72 14.53 28.23 28.87
N ASN C 73 15.40 27.82 29.79
CA ASN C 73 14.96 27.41 31.11
C ASN C 73 13.98 26.26 30.94
N PHE C 74 14.00 25.66 29.78
CA PHE C 74 13.10 24.60 29.37
C PHE C 74 12.70 23.56 30.41
N GLU C 75 11.42 23.34 30.50
CA GLU C 75 10.87 22.42 31.45
C GLU C 75 10.05 21.36 30.72
N MET C 76 10.32 20.11 30.99
CA MET C 76 9.69 19.03 30.27
C MET C 76 8.29 18.78 30.75
N ARG C 77 7.32 19.02 29.90
CA ARG C 77 5.95 18.80 30.24
C ARG C 77 5.17 18.42 29.05
N VAL C 78 4.18 17.59 29.22
CA VAL C 78 3.34 17.24 28.12
C VAL C 78 2.84 18.52 27.53
N GLY C 79 3.01 18.67 26.23
CA GLY C 79 2.49 19.78 25.50
C GLY C 79 3.59 20.59 24.93
N CYS C 80 4.74 20.49 25.53
CA CYS C 80 5.91 21.19 25.06
C CYS C 80 6.35 20.79 23.65
N THR C 81 7.06 21.64 22.97
CA THR C 81 7.53 21.29 21.67
C THR C 81 9.03 21.29 21.55
N ARG C 82 9.54 20.81 20.44
CA ARG C 82 10.94 20.75 20.22
C ARG C 82 11.11 20.94 18.77
N ASP C 83 12.28 21.35 18.35
CA ASP C 83 12.49 21.64 16.96
C ASP C 83 13.74 21.01 16.46
N VAL C 84 13.57 20.15 15.49
CA VAL C 84 14.64 19.32 15.02
C VAL C 84 15.02 19.63 13.62
N ILE C 85 16.26 20.00 13.46
CA ILE C 85 16.88 20.19 12.19
C ILE C 85 17.58 18.90 11.80
N VAL C 86 17.23 18.32 10.67
CA VAL C 86 17.88 17.12 10.22
C VAL C 86 19.23 17.53 9.67
N ILE C 87 20.05 16.54 9.42
CA ILE C 87 21.22 16.64 8.61
C ILE C 87 20.64 17.03 7.31
N SER C 88 21.45 17.60 6.46
CA SER C 88 21.05 17.95 5.13
C SER C 88 21.39 16.77 4.25
N GLY C 89 20.48 16.39 3.41
CA GLY C 89 20.70 15.21 2.63
C GLY C 89 19.48 14.39 2.88
N LEU C 90 18.46 15.03 3.41
CA LEU C 90 17.22 14.37 3.59
C LEU C 90 16.24 15.21 2.87
N SER C 91 15.13 14.62 2.47
CA SER C 91 14.05 15.38 1.94
C SER C 91 13.84 16.49 2.94
N ALA C 92 13.30 16.13 4.09
CA ALA C 92 12.98 17.04 5.18
C ALA C 92 14.11 17.91 5.62
N ASN C 93 13.75 19.00 6.28
CA ASN C 93 14.74 19.94 6.70
C ASN C 93 14.62 20.20 8.19
N THR C 94 13.38 20.41 8.60
CA THR C 94 13.02 20.66 9.98
C THR C 94 11.68 20.05 10.37
N SER C 95 11.48 19.90 11.68
CA SER C 95 10.41 19.14 12.27
C SER C 95 10.01 19.69 13.61
N THR C 96 8.78 20.06 13.79
CA THR C 96 8.30 20.40 15.11
C THR C 96 7.57 19.26 15.75
N GLU C 97 7.93 18.95 16.98
CA GLU C 97 7.42 17.81 17.69
C GLU C 97 6.86 18.16 19.00
N ARG C 98 5.73 17.57 19.30
N ARG C 98 5.71 17.60 19.31
CA ARG C 98 5.06 17.81 20.55
CA ARG C 98 5.04 17.82 20.57
C ARG C 98 5.14 16.62 21.44
C ARG C 98 5.15 16.63 21.44
N LEU C 99 5.31 16.84 22.71
CA LEU C 99 5.36 15.78 23.64
C LEU C 99 3.95 15.46 24.09
N ASP C 100 3.59 14.19 24.01
CA ASP C 100 2.26 13.71 24.28
C ASP C 100 2.16 12.96 25.58
N ILE C 101 3.19 12.25 25.93
CA ILE C 101 3.17 11.55 27.17
C ILE C 101 4.52 11.41 27.77
N LEU C 102 4.55 11.28 29.06
CA LEU C 102 5.77 11.07 29.76
C LEU C 102 5.48 10.52 31.14
N ASP C 103 5.93 9.32 31.41
CA ASP C 103 5.75 8.67 32.67
C ASP C 103 7.03 8.10 33.16
N ASP C 104 7.61 8.73 34.16
CA ASP C 104 8.83 8.22 34.72
C ASP C 104 8.61 6.99 35.53
N GLU C 105 7.38 6.76 35.95
CA GLU C 105 7.04 5.61 36.73
C GLU C 105 6.89 4.40 35.87
N ARG C 106 6.00 4.51 34.91
CA ARG C 106 5.77 3.51 33.88
C ARG C 106 6.84 3.42 32.82
N ARG C 107 7.67 4.45 32.68
CA ARG C 107 8.71 4.49 31.67
C ARG C 107 8.21 4.53 30.25
N VAL C 108 7.45 5.56 29.93
CA VAL C 108 6.78 5.73 28.66
C VAL C 108 6.89 7.17 28.14
N THR C 109 7.25 7.32 26.89
CA THR C 109 7.30 8.62 26.26
C THR C 109 6.73 8.57 24.84
N GLY C 110 6.20 9.66 24.37
CA GLY C 110 5.61 9.70 23.06
C GLY C 110 5.48 11.09 22.51
N PHE C 111 5.47 11.22 21.20
CA PHE C 111 5.38 12.52 20.65
C PHE C 111 4.60 12.51 19.36
N SER C 112 4.19 13.67 18.92
CA SER C 112 3.57 13.80 17.64
C SER C 112 4.26 14.85 16.82
N ILE C 113 4.32 14.64 15.53
CA ILE C 113 4.88 15.60 14.63
C ILE C 113 3.84 16.55 14.15
N ILE C 114 3.78 17.68 14.80
CA ILE C 114 2.78 18.67 14.57
C ILE C 114 3.25 19.72 13.57
N GLY C 115 4.48 19.63 13.15
CA GLY C 115 5.04 20.63 12.27
C GLY C 115 6.18 20.23 11.41
N GLY C 116 6.43 21.06 10.43
CA GLY C 116 7.51 20.83 9.50
C GLY C 116 7.14 20.98 8.04
N GLU C 117 8.17 20.98 7.22
CA GLU C 117 8.12 20.76 5.80
C GLU C 117 8.24 19.29 5.58
N HIS C 118 7.89 18.55 6.61
CA HIS C 118 7.98 17.12 6.57
C HIS C 118 6.88 16.76 5.65
N ARG C 119 6.98 15.62 5.02
CA ARG C 119 5.93 15.21 4.15
C ARG C 119 5.23 14.09 4.85
N LEU C 120 5.46 14.02 6.14
CA LEU C 120 5.08 12.96 7.04
C LEU C 120 3.95 13.39 7.85
N THR C 121 2.76 13.39 7.32
CA THR C 121 1.72 14.01 8.07
C THR C 121 1.16 13.11 9.13
N ASN C 122 0.86 13.71 10.27
CA ASN C 122 0.18 13.06 11.35
C ASN C 122 0.93 11.88 11.93
N TYR C 123 2.24 12.00 12.00
CA TYR C 123 3.07 10.96 12.53
C TYR C 123 2.98 11.03 14.02
N LYS C 124 2.86 9.88 14.64
N LYS C 124 2.85 9.83 14.72
CA LYS C 124 2.77 9.83 16.06
CA LYS C 124 2.77 9.77 16.14
C LYS C 124 3.57 8.65 16.50
C LYS C 124 3.56 8.60 16.58
N SER C 125 4.16 8.75 17.65
CA SER C 125 5.06 7.71 18.14
C SER C 125 4.97 7.53 19.64
N VAL C 126 5.31 6.33 20.10
CA VAL C 126 5.30 6.01 21.52
C VAL C 126 6.45 5.07 21.83
N THR C 127 7.10 5.30 22.95
CA THR C 127 8.24 4.48 23.34
C THR C 127 8.09 4.01 24.79
N THR C 128 8.43 2.75 25.04
CA THR C 128 8.34 2.18 26.38
C THR C 128 9.56 1.31 26.71
N VAL C 129 9.99 1.37 27.96
CA VAL C 129 11.14 0.62 28.43
C VAL C 129 10.69 -0.45 29.42
N HIS C 130 11.35 -1.61 29.36
CA HIS C 130 10.90 -2.75 30.14
C HIS C 130 12.04 -3.53 30.81
N ARG C 131 11.77 -4.04 32.01
CA ARG C 131 12.76 -4.78 32.78
C ARG C 131 12.57 -6.29 32.65
N PHE C 132 13.67 -6.99 32.56
CA PHE C 132 13.66 -8.41 32.43
C PHE C 132 14.72 -9.09 33.33
N GLU C 133 14.29 -9.94 34.25
CA GLU C 133 15.27 -10.70 35.05
C GLU C 133 15.17 -12.24 35.07
N LYS C 134 16.31 -12.89 34.98
CA LYS C 134 16.40 -14.29 35.21
C LYS C 134 17.81 -14.49 35.64
N GLU C 135 18.10 -15.62 36.27
CA GLU C 135 19.40 -15.77 36.86
C GLU C 135 19.37 -14.71 37.89
N ASN C 136 20.48 -13.99 38.01
CA ASN C 136 20.52 -12.76 38.76
C ASN C 136 20.74 -11.61 37.79
N ARG C 137 20.36 -11.82 36.53
CA ARG C 137 20.75 -10.92 35.45
C ARG C 137 19.65 -10.00 34.89
N ILE C 138 19.96 -8.73 34.69
CA ILE C 138 19.00 -7.75 34.23
C ILE C 138 19.26 -7.18 32.85
N TRP C 139 18.23 -7.17 32.03
CA TRP C 139 18.31 -6.58 30.73
C TRP C 139 17.08 -5.80 30.41
N THR C 140 17.15 -5.11 29.30
CA THR C 140 16.05 -4.22 28.92
C THR C 140 15.51 -4.52 27.53
N VAL C 141 14.23 -4.25 27.35
CA VAL C 141 13.64 -4.29 26.06
C VAL C 141 12.89 -2.99 25.84
N VAL C 142 13.15 -2.33 24.72
CA VAL C 142 12.47 -1.11 24.36
C VAL C 142 11.50 -1.35 23.25
N LEU C 143 10.29 -0.86 23.38
CA LEU C 143 9.33 -0.90 22.31
C LEU C 143 9.04 0.46 21.77
N GLU C 144 9.03 0.56 20.46
CA GLU C 144 8.69 1.77 19.81
C GLU C 144 7.67 1.52 18.72
N SER C 145 6.57 2.23 18.79
CA SER C 145 5.47 2.10 17.86
C SER C 145 5.27 3.41 17.15
N TYR C 146 4.46 3.46 16.11
CA TYR C 146 4.17 4.70 15.47
C TYR C 146 3.01 4.55 14.52
N VAL C 147 2.34 5.63 14.19
CA VAL C 147 1.30 5.64 13.18
C VAL C 147 1.53 6.82 12.25
N VAL C 148 1.21 6.65 10.97
CA VAL C 148 1.44 7.70 9.99
C VAL C 148 0.53 7.54 8.78
N ASP C 149 0.18 8.67 8.15
CA ASP C 149 -0.62 8.65 6.93
C ASP C 149 0.25 8.26 5.75
N MET C 150 -0.38 7.87 4.65
CA MET C 150 0.36 7.46 3.46
C MET C 150 0.24 8.49 2.33
N ASP C 158 6.89 3.78 1.18
CA ASP C 158 8.16 4.42 0.93
C ASP C 158 8.39 5.08 2.23
N THR C 159 7.32 5.47 2.84
CA THR C 159 7.43 6.37 3.92
C THR C 159 7.31 5.52 5.14
N ARG C 160 6.42 4.56 5.13
CA ARG C 160 6.46 3.63 6.20
C ARG C 160 7.77 2.96 6.08
N MET C 161 8.41 3.12 4.95
CA MET C 161 9.67 2.47 4.67
C MET C 161 10.83 3.21 5.29
N PHE C 162 10.76 4.51 5.22
CA PHE C 162 11.73 5.39 5.78
C PHE C 162 11.61 5.42 7.28
N ALA C 163 10.40 5.49 7.74
CA ALA C 163 10.09 5.45 9.14
C ALA C 163 10.55 4.19 9.77
N ASP C 164 10.34 3.10 9.09
CA ASP C 164 10.77 1.85 9.64
C ASP C 164 12.22 1.77 9.80
N THR C 165 12.92 2.30 8.84
CA THR C 165 14.36 2.30 8.84
C THR C 165 14.91 3.15 9.94
N VAL C 166 14.41 4.35 10.07
CA VAL C 166 14.85 5.29 11.02
C VAL C 166 14.67 4.78 12.41
N VAL C 167 13.48 4.32 12.73
N VAL C 167 13.47 4.27 12.81
CA VAL C 167 13.15 3.76 14.03
CA VAL C 167 13.15 3.71 14.12
C VAL C 167 14.05 2.59 14.39
C VAL C 167 14.05 2.53 14.47
N LYS C 168 14.33 1.73 13.41
CA LYS C 168 15.23 0.60 13.63
C LYS C 168 16.66 1.05 13.90
N LEU C 169 17.14 2.01 13.13
CA LEU C 169 18.49 2.54 13.32
C LEU C 169 18.62 3.21 14.69
N ASN C 170 17.62 4.02 15.04
CA ASN C 170 17.64 4.75 16.29
C ASN C 170 17.69 3.84 17.51
N LEU C 171 17.00 2.70 17.44
CA LEU C 171 17.01 1.73 18.52
C LEU C 171 18.37 1.05 18.63
N GLN C 172 19.03 0.82 17.50
CA GLN C 172 20.36 0.24 17.51
C GLN C 172 21.32 1.19 18.21
N LYS C 173 21.29 2.46 17.80
CA LYS C 173 22.15 3.47 18.40
C LYS C 173 21.88 3.61 19.89
N LEU C 174 20.59 3.56 20.25
CA LEU C 174 20.20 3.60 21.66
C LEU C 174 20.87 2.46 22.42
N ALA C 175 20.77 1.25 21.88
CA ALA C 175 21.38 0.09 22.50
C ALA C 175 22.87 0.28 22.71
N THR C 176 23.56 0.75 21.66
CA THR C 176 25.00 0.97 21.70
C THR C 176 25.38 2.05 22.71
N VAL C 177 24.60 3.12 22.76
CA VAL C 177 24.87 4.22 23.70
C VAL C 177 24.63 3.79 25.14
N ALA C 178 23.53 3.07 25.36
CA ALA C 178 23.16 2.64 26.71
C ALA C 178 23.96 1.43 27.18
N GLU C 179 24.78 0.88 26.29
CA GLU C 179 25.65 -0.23 26.64
C GLU C 179 27.09 0.23 26.82
N ALA C 180 27.37 1.46 26.38
CA ALA C 180 28.67 2.08 26.61
C ALA C 180 28.64 2.82 27.92
N MET C 181 27.46 3.32 28.28
CA MET C 181 27.25 3.96 29.58
C MET C 181 27.06 2.91 30.66
N ALA C 182 26.96 1.64 30.25
CA ALA C 182 26.85 0.54 31.20
C ALA C 182 28.23 0.09 31.64
N ARG C 183 29.08 1.06 31.99
CA ARG C 183 30.45 0.79 32.37
C ARG C 183 30.91 1.77 33.44
#